data_3CGW
#
_entry.id   3CGW
#
_cell.length_a   110.640
_cell.length_b   110.640
_cell.length_c   75.947
_cell.angle_alpha   90.00
_cell.angle_beta   90.00
_cell.angle_gamma   90.00
#
_symmetry.space_group_name_H-M   'P 43 21 2'
#
_entity_poly.entity_id   1
_entity_poly.type   'polypeptide(L)'
_entity_poly.pdbx_seq_one_letter_code
;(MSE)IIFSGGTGTPKLLDGLKEILPEEELTVVVNTAEDLWVSGNLISPDLDTVLYLFSDQIDRKRWWGIENDTFGTYER
(MSE)KELGIEEGLKLGDRDRATHIIRSNIIRDGASLTDSTVKLSSLFGIKANILP(MSE)SDDPVSTYIETAEGI
(MSE)HFQDFWIGKRGEPDVRGVDIRGVSEASISPKVLEAFEKEENILIGPSNPITSIGPIISLPG(MSE)RELLKKKKV
VAVSPIIGNAPVSGPAGKL(MSE)PACGIEVSS(MSE)GVAEYYQDFLDVFVFDERDRADEFAFERLGCHASRADTL
(MSE)TSTEKSKELAEIVVQAFLEHHHHHH
;
_entity_poly.pdbx_strand_id   A
#
# COMPACT_ATOMS: atom_id res chain seq x y z
N MSE A 1 -10.75 13.36 0.17
CA MSE A 1 -11.07 11.93 0.42
C MSE A 1 -9.88 11.24 1.01
O MSE A 1 -8.75 11.76 0.97
CB MSE A 1 -11.44 11.23 -0.89
CG MSE A 1 -10.27 11.16 -1.85
SE MSE A 1 -10.58 9.96 -3.31
CE MSE A 1 -11.28 8.48 -2.26
N ILE A 2 -10.10 10.05 1.54
CA ILE A 2 -9.04 9.25 2.13
C ILE A 2 -8.75 8.06 1.24
N ILE A 3 -7.46 7.78 1.02
CA ILE A 3 -7.01 6.66 0.19
C ILE A 3 -6.07 5.72 0.95
N PHE A 4 -6.49 4.46 1.07
CA PHE A 4 -5.69 3.43 1.74
C PHE A 4 -4.70 3.00 0.66
N SER A 5 -3.41 3.16 0.92
CA SER A 5 -2.44 2.80 -0.09
C SER A 5 -1.29 1.93 0.38
N GLY A 6 -0.63 1.32 -0.59
CA GLY A 6 0.50 0.47 -0.30
C GLY A 6 0.93 -0.25 -1.58
N GLY A 7 1.89 -1.15 -1.44
CA GLY A 7 2.34 -1.87 -2.61
C GLY A 7 2.61 -0.93 -3.77
N THR A 8 2.17 -1.31 -4.97
CA THR A 8 2.43 -0.49 -6.15
C THR A 8 1.17 -0.12 -6.95
N GLY A 9 0.03 -0.68 -6.57
CA GLY A 9 -1.21 -0.40 -7.29
C GLY A 9 -1.72 1.02 -7.06
N THR A 10 -2.04 1.29 -5.79
CA THR A 10 -2.57 2.57 -5.31
C THR A 10 -1.75 3.81 -5.69
N PRO A 11 -0.43 3.81 -5.40
CA PRO A 11 0.37 4.98 -5.76
C PRO A 11 0.31 5.30 -7.23
N LYS A 12 -0.11 4.31 -8.02
CA LYS A 12 -0.20 4.53 -9.43
C LYS A 12 -1.49 5.27 -9.72
N LEU A 13 -2.53 4.91 -8.97
CA LEU A 13 -3.86 5.55 -9.12
C LEU A 13 -3.80 6.94 -8.51
N LEU A 14 -2.92 7.13 -7.54
CA LEU A 14 -2.80 8.43 -6.93
C LEU A 14 -2.26 9.40 -7.98
N ASP A 15 -1.13 9.02 -8.59
CA ASP A 15 -0.51 9.86 -9.63
C ASP A 15 -1.58 10.47 -10.54
N GLY A 16 -2.74 9.85 -10.62
CA GLY A 16 -3.78 10.39 -11.48
C GLY A 16 -4.80 11.12 -10.67
N LEU A 17 -5.03 10.61 -9.46
CA LEU A 17 -6.00 11.19 -8.53
C LEU A 17 -5.58 12.61 -8.19
N LYS A 18 -4.26 12.81 -8.06
CA LYS A 18 -3.71 14.12 -7.75
C LYS A 18 -3.98 15.13 -8.87
N GLU A 19 -4.17 14.66 -10.10
CA GLU A 19 -4.43 15.59 -11.20
C GLU A 19 -5.92 15.74 -11.44
N ILE A 20 -6.75 15.28 -10.51
CA ILE A 20 -8.20 15.38 -10.66
C ILE A 20 -8.88 16.24 -9.57
N LEU A 21 -8.20 16.45 -8.45
CA LEU A 21 -8.75 17.27 -7.37
C LEU A 21 -7.62 17.90 -6.54
N PRO A 22 -7.91 19.05 -5.88
CA PRO A 22 -6.91 19.75 -5.07
C PRO A 22 -6.19 18.87 -4.04
N GLU A 23 -4.86 18.92 -4.08
CA GLU A 23 -4.04 18.13 -3.18
C GLU A 23 -4.51 18.20 -1.74
N GLU A 24 -4.84 19.41 -1.27
CA GLU A 24 -5.26 19.58 0.10
C GLU A 24 -6.32 18.58 0.55
N GLU A 25 -7.30 18.29 -0.31
CA GLU A 25 -8.37 17.35 0.03
C GLU A 25 -7.96 15.87 0.03
N LEU A 26 -6.72 15.58 -0.42
CA LEU A 26 -6.21 14.21 -0.48
C LEU A 26 -5.42 13.80 0.76
N THR A 27 -5.77 12.63 1.29
CA THR A 27 -5.08 12.14 2.47
C THR A 27 -4.98 10.63 2.31
N VAL A 28 -3.75 10.14 2.12
CA VAL A 28 -3.51 8.72 1.94
C VAL A 28 -2.99 8.09 3.20
N VAL A 29 -3.56 6.94 3.57
CA VAL A 29 -3.13 6.23 4.76
C VAL A 29 -2.23 5.10 4.26
N VAL A 30 -0.94 5.21 4.56
CA VAL A 30 0.03 4.22 4.10
C VAL A 30 0.27 3.07 5.09
N ASN A 31 0.45 1.87 4.53
CA ASN A 31 0.70 0.65 5.31
C ASN A 31 2.11 0.66 5.89
N THR A 32 2.26 0.27 7.14
CA THR A 32 3.58 0.26 7.77
C THR A 32 4.07 -1.14 8.12
N ALA A 33 3.28 -2.15 7.81
CA ALA A 33 3.62 -3.54 8.13
C ALA A 33 4.76 -4.05 7.26
N GLU A 34 5.35 -3.13 6.52
CA GLU A 34 6.44 -3.45 5.62
C GLU A 34 7.73 -2.77 6.04
N ASP A 35 7.66 -1.82 6.99
CA ASP A 35 8.85 -1.09 7.45
C ASP A 35 9.87 -2.08 7.97
N LEU A 36 11.14 -1.69 7.91
CA LEU A 36 12.21 -2.57 8.33
C LEU A 36 13.50 -1.80 8.52
N TRP A 37 14.18 -2.02 9.63
CA TRP A 37 15.44 -1.31 9.86
C TRP A 37 16.61 -1.90 9.07
N VAL A 38 17.08 -1.15 8.10
CA VAL A 38 18.16 -1.59 7.25
C VAL A 38 19.43 -0.73 7.37
N SER A 39 20.58 -1.39 7.39
CA SER A 39 21.83 -0.67 7.47
C SER A 39 21.82 0.45 8.51
N GLY A 40 20.96 0.32 9.53
CA GLY A 40 20.92 1.33 10.57
C GLY A 40 19.89 2.44 10.42
N ASN A 41 18.94 2.24 9.50
CA ASN A 41 17.91 3.22 9.26
C ASN A 41 16.60 2.61 8.85
N LEU A 42 15.52 3.06 9.49
CA LEU A 42 14.19 2.55 9.23
C LEU A 42 13.72 2.92 7.82
N ILE A 43 13.32 1.91 7.05
CA ILE A 43 12.85 2.11 5.68
C ILE A 43 11.35 1.84 5.56
N SER A 44 10.57 2.86 5.22
CA SER A 44 9.13 2.67 5.04
C SER A 44 8.93 2.67 3.54
N PRO A 45 9.07 1.49 2.92
CA PRO A 45 8.91 1.38 1.48
C PRO A 45 7.65 2.03 0.96
N ASP A 46 6.53 1.73 1.59
CA ASP A 46 5.28 2.29 1.12
C ASP A 46 5.14 3.76 1.34
N LEU A 47 5.53 4.20 2.53
CA LEU A 47 5.44 5.62 2.87
C LEU A 47 6.31 6.49 1.92
N ASP A 48 7.55 6.05 1.70
CA ASP A 48 8.48 6.75 0.81
C ASP A 48 7.99 6.78 -0.63
N THR A 49 7.29 5.73 -1.06
CA THR A 49 6.80 5.73 -2.42
C THR A 49 5.83 6.89 -2.55
N VAL A 50 4.87 6.98 -1.64
CA VAL A 50 3.89 8.07 -1.74
C VAL A 50 4.60 9.43 -1.65
N LEU A 51 5.46 9.60 -0.66
CA LEU A 51 6.20 10.85 -0.53
C LEU A 51 6.86 11.19 -1.87
N TYR A 52 7.65 10.29 -2.43
CA TYR A 52 8.34 10.52 -3.73
C TYR A 52 7.40 10.76 -4.89
N LEU A 53 6.15 10.34 -4.71
CA LEU A 53 5.16 10.51 -5.74
C LEU A 53 4.78 11.99 -5.74
N PHE A 54 4.05 12.41 -4.69
CA PHE A 54 3.57 13.79 -4.53
C PHE A 54 4.68 14.84 -4.53
N SER A 55 5.93 14.40 -4.65
CA SER A 55 7.10 15.28 -4.68
C SER A 55 7.78 15.24 -6.03
N ASP A 56 7.06 14.83 -7.06
CA ASP A 56 7.63 14.74 -8.40
C ASP A 56 9.07 14.21 -8.45
N GLN A 57 9.38 13.21 -7.62
CA GLN A 57 10.73 12.65 -7.63
C GLN A 57 10.72 11.13 -7.62
N ILE A 58 9.56 10.54 -7.92
CA ILE A 58 9.44 9.09 -7.96
C ILE A 58 9.99 8.59 -9.30
N ASP A 59 10.78 7.52 -9.24
CA ASP A 59 11.38 6.89 -10.41
C ASP A 59 10.22 6.21 -11.16
N ARG A 60 9.72 6.89 -12.19
CA ARG A 60 8.59 6.40 -12.99
C ARG A 60 8.87 5.19 -13.90
N LYS A 61 10.10 4.70 -13.87
CA LYS A 61 10.50 3.55 -14.68
C LYS A 61 10.18 2.27 -13.90
N ARG A 62 10.54 2.28 -12.63
CA ARG A 62 10.34 1.14 -11.74
C ARG A 62 9.34 1.40 -10.60
N TRP A 63 8.65 2.54 -10.65
CA TRP A 63 7.68 2.91 -9.62
C TRP A 63 8.07 2.54 -8.19
N TRP A 64 9.33 2.83 -7.83
CA TRP A 64 9.86 2.64 -6.48
C TRP A 64 11.23 3.32 -6.53
N GLY A 65 11.58 4.01 -5.45
CA GLY A 65 12.85 4.70 -5.42
C GLY A 65 12.77 6.08 -6.06
N ILE A 66 13.93 6.69 -6.32
CA ILE A 66 13.96 8.04 -6.87
C ILE A 66 14.59 8.17 -8.26
N GLU A 67 13.86 8.81 -9.18
CA GLU A 67 14.38 9.01 -10.53
C GLU A 67 15.83 9.53 -10.52
N ASN A 68 16.63 9.14 -11.52
CA ASN A 68 18.01 9.58 -11.62
C ASN A 68 18.84 9.44 -10.34
N ASP A 69 18.40 8.58 -9.41
CA ASP A 69 19.14 8.42 -8.17
C ASP A 69 20.51 7.76 -8.46
N THR A 70 21.42 7.85 -7.51
CA THR A 70 22.75 7.27 -7.66
C THR A 70 22.86 6.14 -6.65
N PHE A 71 23.79 5.22 -6.87
CA PHE A 71 23.93 4.11 -5.92
C PHE A 71 25.36 3.87 -5.49
N GLY A 72 26.13 4.95 -5.33
CA GLY A 72 27.51 4.82 -4.93
C GLY A 72 27.79 4.03 -3.67
N THR A 73 26.94 4.14 -2.66
CA THR A 73 27.15 3.43 -1.41
C THR A 73 26.89 1.95 -1.58
N TYR A 74 25.93 1.65 -2.46
CA TYR A 74 25.54 0.26 -2.78
C TYR A 74 26.65 -0.42 -3.55
N GLU A 75 26.90 0.07 -4.76
CA GLU A 75 27.91 -0.47 -5.61
C GLU A 75 29.17 -0.81 -4.83
N ARG A 76 29.52 -0.03 -3.81
CA ARG A 76 30.72 -0.33 -3.02
C ARG A 76 30.58 -1.76 -2.52
N MSE A 77 29.45 -2.02 -1.87
CA MSE A 77 29.13 -3.34 -1.32
C MSE A 77 29.31 -4.38 -2.41
O MSE A 77 29.90 -5.44 -2.18
CB MSE A 77 27.66 -3.36 -0.87
CG MSE A 77 27.21 -2.13 -0.09
SE MSE A 77 27.69 -2.17 1.79
CE MSE A 77 26.03 -2.84 2.55
N LYS A 78 28.77 -4.08 -3.59
CA LYS A 78 28.85 -4.98 -4.74
C LYS A 78 30.31 -5.34 -4.94
N GLU A 79 31.14 -4.35 -5.30
CA GLU A 79 32.56 -4.57 -5.51
C GLU A 79 33.13 -5.52 -4.46
N LEU A 80 32.75 -5.27 -3.20
CA LEU A 80 33.20 -6.08 -2.07
C LEU A 80 32.41 -7.38 -1.98
N GLY A 81 31.44 -7.52 -2.88
CA GLY A 81 30.60 -8.70 -2.91
C GLY A 81 29.83 -8.86 -1.61
N ILE A 82 29.33 -7.74 -1.09
CA ILE A 82 28.55 -7.75 0.14
C ILE A 82 27.13 -7.39 -0.25
N GLU A 83 26.28 -8.39 -0.43
CA GLU A 83 24.88 -8.18 -0.79
C GLU A 83 24.20 -7.52 0.40
N GLU A 84 23.97 -6.21 0.30
CA GLU A 84 23.34 -5.42 1.37
C GLU A 84 21.92 -5.90 1.74
N GLY A 85 21.21 -6.39 0.72
CA GLY A 85 19.86 -6.89 0.91
C GLY A 85 18.84 -6.07 0.15
N LEU A 86 19.31 -4.99 -0.46
CA LEU A 86 18.42 -4.09 -1.18
C LEU A 86 19.29 -3.07 -1.87
N LYS A 87 18.86 -2.57 -3.02
CA LYS A 87 19.64 -1.59 -3.75
C LYS A 87 19.16 -0.18 -3.35
N LEU A 88 19.69 0.35 -2.25
CA LEU A 88 19.30 1.68 -1.75
C LEU A 88 19.94 2.83 -2.51
N GLY A 89 19.13 3.80 -2.91
CA GLY A 89 19.66 4.95 -3.64
C GLY A 89 20.28 5.96 -2.67
N ASP A 90 21.39 6.57 -3.06
CA ASP A 90 22.01 7.54 -2.17
C ASP A 90 20.99 8.59 -1.73
N ARG A 91 20.27 9.14 -2.70
CA ARG A 91 19.25 10.16 -2.43
C ARG A 91 18.09 9.52 -1.66
N ASP A 92 17.80 8.26 -1.98
CA ASP A 92 16.73 7.57 -1.30
C ASP A 92 17.18 7.18 0.11
N ARG A 93 18.48 7.19 0.38
CA ARG A 93 18.90 6.81 1.73
C ARG A 93 18.73 7.99 2.69
N ALA A 94 19.05 9.20 2.18
CA ALA A 94 18.95 10.46 2.92
C ALA A 94 17.60 10.51 3.61
N THR A 95 16.58 10.05 2.91
CA THR A 95 15.24 10.01 3.47
C THR A 95 15.26 9.10 4.69
N HIS A 96 15.81 7.90 4.53
CA HIS A 96 15.88 6.94 5.61
C HIS A 96 16.65 7.54 6.79
N ILE A 97 17.70 8.29 6.46
CA ILE A 97 18.54 8.93 7.49
C ILE A 97 17.74 10.00 8.24
N ILE A 98 17.07 10.86 7.49
CA ILE A 98 16.30 11.91 8.08
C ILE A 98 15.22 11.37 9.00
N ARG A 99 14.26 10.64 8.45
CA ARG A 99 13.18 10.08 9.28
C ARG A 99 13.71 9.27 10.47
N SER A 100 14.91 8.69 10.33
CA SER A 100 15.46 7.90 11.41
C SER A 100 15.99 8.80 12.53
N ASN A 101 16.66 9.89 12.14
CA ASN A 101 17.17 10.85 13.12
C ASN A 101 16.04 11.40 13.96
N ILE A 102 14.91 11.72 13.30
CA ILE A 102 13.77 12.24 14.02
C ILE A 102 13.38 11.20 15.09
N ILE A 103 13.22 9.95 14.66
CA ILE A 103 12.83 8.81 15.52
C ILE A 103 13.82 8.48 16.61
N ARG A 104 15.10 8.46 16.26
CA ARG A 104 16.13 8.17 17.24
C ARG A 104 16.07 9.21 18.35
N ASP A 105 15.50 10.38 18.03
CA ASP A 105 15.37 11.50 18.96
C ASP A 105 14.00 11.61 19.60
N GLY A 106 13.50 10.49 20.13
CA GLY A 106 12.22 10.42 20.83
C GLY A 106 10.97 10.76 20.03
N ALA A 107 11.13 11.13 18.77
CA ALA A 107 9.97 11.48 17.97
C ALA A 107 9.24 10.21 17.54
N SER A 108 8.14 10.39 16.83
CA SER A 108 7.30 9.30 16.31
C SER A 108 7.36 9.22 14.78
N LEU A 109 6.90 8.10 14.21
CA LEU A 109 6.91 7.91 12.75
C LEU A 109 6.06 8.97 12.06
N THR A 110 4.84 9.17 12.57
CA THR A 110 3.91 10.15 12.02
C THR A 110 4.54 11.55 12.06
N ASP A 111 5.35 11.79 13.07
CA ASP A 111 5.99 13.09 13.20
C ASP A 111 6.88 13.25 11.95
N SER A 112 7.82 12.31 11.80
CA SER A 112 8.78 12.30 10.68
C SER A 112 8.10 12.35 9.32
N THR A 113 7.00 11.62 9.18
CA THR A 113 6.30 11.62 7.90
C THR A 113 5.90 13.03 7.50
N VAL A 114 5.62 13.86 8.50
CA VAL A 114 5.20 15.25 8.26
C VAL A 114 6.38 16.13 7.92
N LYS A 115 7.37 16.11 8.79
CA LYS A 115 8.58 16.89 8.59
C LYS A 115 9.11 16.62 7.18
N LEU A 116 9.11 15.36 6.79
CA LEU A 116 9.57 15.04 5.45
C LEU A 116 8.69 15.76 4.46
N SER A 117 7.37 15.59 4.63
CA SER A 117 6.43 16.23 3.72
C SER A 117 6.71 17.72 3.53
N SER A 118 7.27 18.33 4.56
CA SER A 118 7.60 19.76 4.55
C SER A 118 8.85 20.04 3.72
N LEU A 119 9.87 19.23 3.94
CA LEU A 119 11.10 19.37 3.19
C LEU A 119 10.80 19.08 1.72
N PHE A 120 9.84 18.20 1.46
CA PHE A 120 9.47 17.85 0.07
C PHE A 120 8.41 18.81 -0.50
N GLY A 121 7.77 19.58 0.38
CA GLY A 121 6.76 20.53 -0.05
C GLY A 121 5.48 19.84 -0.45
N ILE A 122 5.25 18.64 0.08
CA ILE A 122 4.05 17.95 -0.26
C ILE A 122 2.89 18.64 0.42
N LYS A 123 1.83 18.92 -0.35
CA LYS A 123 0.65 19.58 0.21
C LYS A 123 -0.48 18.63 0.44
N ALA A 124 -0.21 17.33 0.33
CA ALA A 124 -1.26 16.36 0.55
C ALA A 124 -0.99 15.72 1.92
N ASN A 125 -2.02 15.14 2.51
CA ASN A 125 -1.87 14.52 3.81
C ASN A 125 -1.48 13.05 3.71
N ILE A 126 -0.18 12.79 3.82
CA ILE A 126 0.36 11.44 3.74
C ILE A 126 0.74 10.90 5.12
N LEU A 127 -0.05 9.98 5.64
CA LEU A 127 0.19 9.45 6.98
C LEU A 127 0.26 7.92 7.14
N PRO A 128 1.23 7.42 7.90
CA PRO A 128 1.36 5.97 8.12
C PRO A 128 0.17 5.43 8.90
N MSE A 129 -0.12 4.14 8.75
CA MSE A 129 -1.26 3.57 9.46
C MSE A 129 -1.11 3.55 10.97
O MSE A 129 -2.09 3.39 11.68
CB MSE A 129 -1.55 2.17 8.94
CG MSE A 129 -0.36 1.24 8.89
SE MSE A 129 -0.89 -0.61 8.64
CE MSE A 129 -0.76 -1.22 10.47
N SER A 130 0.12 3.72 11.48
CA SER A 130 0.33 3.70 12.93
C SER A 130 1.74 4.07 13.32
N ASP A 131 1.93 4.34 14.61
CA ASP A 131 3.24 4.71 15.15
C ASP A 131 3.85 3.47 15.82
N ASP A 132 3.02 2.47 16.07
CA ASP A 132 3.45 1.24 16.70
C ASP A 132 3.94 0.26 15.64
N PRO A 133 5.05 -0.48 15.93
CA PRO A 133 5.63 -1.44 14.99
C PRO A 133 4.68 -2.59 14.66
N VAL A 134 4.76 -3.02 13.41
CA VAL A 134 3.95 -4.10 12.86
C VAL A 134 4.67 -4.65 11.64
N SER A 135 5.06 -5.92 11.68
CA SER A 135 5.75 -6.56 10.57
C SER A 135 5.04 -7.83 10.07
N THR A 136 4.90 -7.93 8.73
CA THR A 136 4.22 -9.04 8.05
C THR A 136 5.07 -10.29 7.83
N TYR A 137 4.83 -11.31 8.66
CA TYR A 137 5.55 -12.56 8.56
C TYR A 137 4.74 -13.64 7.83
N ILE A 138 5.46 -14.55 7.17
CA ILE A 138 4.87 -15.65 6.43
C ILE A 138 5.22 -17.02 7.04
N GLU A 139 4.18 -17.76 7.39
CA GLU A 139 4.28 -19.08 7.98
C GLU A 139 4.17 -20.09 6.84
N THR A 140 5.16 -20.95 6.72
CA THR A 140 5.16 -21.97 5.67
C THR A 140 5.77 -23.28 6.16
N ALA A 141 5.94 -24.24 5.25
CA ALA A 141 6.53 -25.53 5.59
C ALA A 141 8.05 -25.33 5.78
N GLU A 142 8.64 -24.54 4.89
CA GLU A 142 10.08 -24.25 4.93
C GLU A 142 10.47 -23.29 6.06
N GLY A 143 9.60 -23.17 7.06
CA GLY A 143 9.87 -22.30 8.19
C GLY A 143 9.23 -20.92 8.06
N ILE A 144 9.24 -20.16 9.16
CA ILE A 144 8.66 -18.82 9.20
C ILE A 144 9.70 -17.71 9.00
N MSE A 145 9.39 -16.71 8.18
CA MSE A 145 10.34 -15.62 7.97
C MSE A 145 9.73 -14.37 7.33
O MSE A 145 8.66 -14.45 6.72
CB MSE A 145 11.55 -16.13 7.17
CG MSE A 145 11.26 -17.25 6.17
SE MSE A 145 10.66 -16.63 4.42
CE MSE A 145 12.25 -17.05 3.37
N HIS A 146 10.40 -13.24 7.49
CA HIS A 146 9.93 -11.95 6.97
C HIS A 146 9.43 -12.02 5.53
N PHE A 147 8.44 -11.20 5.21
CA PHE A 147 7.90 -11.20 3.85
C PHE A 147 8.99 -10.87 2.83
N GLN A 148 9.94 -10.01 3.23
CA GLN A 148 11.06 -9.60 2.38
C GLN A 148 11.85 -10.82 1.87
N ASP A 149 12.09 -11.76 2.77
CA ASP A 149 12.82 -12.99 2.46
C ASP A 149 12.02 -13.89 1.50
N PHE A 150 10.74 -14.05 1.80
CA PHE A 150 9.84 -14.89 1.02
C PHE A 150 9.76 -14.56 -0.47
N TRP A 151 9.58 -13.29 -0.80
CA TRP A 151 9.48 -12.89 -2.20
C TRP A 151 10.81 -12.31 -2.69
N ILE A 152 11.31 -11.30 -1.98
CA ILE A 152 12.58 -10.64 -2.30
C ILE A 152 13.72 -11.44 -1.67
N GLY A 153 13.83 -12.71 -2.05
CA GLY A 153 14.87 -13.58 -1.51
C GLY A 153 14.75 -14.98 -2.09
N LYS A 154 13.55 -15.54 -2.00
CA LYS A 154 13.24 -16.88 -2.51
C LYS A 154 12.41 -16.81 -3.78
N ARG A 155 12.48 -15.67 -4.49
CA ARG A 155 11.73 -15.45 -5.73
C ARG A 155 10.26 -15.81 -5.57
N GLY A 156 9.83 -15.91 -4.32
CA GLY A 156 8.45 -16.28 -4.04
C GLY A 156 8.16 -17.65 -4.62
N GLU A 157 8.84 -18.68 -4.12
CA GLU A 157 8.64 -20.05 -4.59
C GLU A 157 8.08 -20.97 -3.48
N PRO A 158 8.54 -20.78 -2.22
CA PRO A 158 8.06 -21.60 -1.10
C PRO A 158 6.54 -21.76 -1.02
N ASP A 159 6.08 -22.62 -0.09
CA ASP A 159 4.66 -22.86 0.07
C ASP A 159 4.05 -21.83 1.01
N VAL A 160 2.92 -22.15 1.62
CA VAL A 160 2.26 -21.24 2.54
C VAL A 160 1.78 -22.01 3.77
N ARG A 161 0.94 -21.39 4.60
CA ARG A 161 0.41 -22.04 5.81
C ARG A 161 -0.29 -21.02 6.71
N GLY A 162 -0.22 -19.75 6.34
CA GLY A 162 -0.85 -18.70 7.13
C GLY A 162 0.05 -17.47 7.29
N VAL A 163 -0.54 -16.28 7.18
CA VAL A 163 0.20 -15.03 7.32
C VAL A 163 -0.03 -14.41 8.69
N ASP A 164 1.04 -14.01 9.35
CA ASP A 164 0.92 -13.42 10.68
C ASP A 164 1.31 -11.96 10.64
N ILE A 165 0.28 -11.11 10.70
CA ILE A 165 0.47 -9.67 10.69
C ILE A 165 0.84 -9.30 12.14
N ARG A 166 1.99 -9.80 12.58
CA ARG A 166 2.50 -9.61 13.93
C ARG A 166 2.55 -8.16 14.44
N GLY A 167 2.15 -8.00 15.70
CA GLY A 167 2.15 -6.69 16.35
C GLY A 167 0.92 -5.83 16.10
N VAL A 168 0.18 -6.18 15.05
CA VAL A 168 -1.01 -5.44 14.65
C VAL A 168 -2.07 -5.41 15.74
N SER A 169 -2.17 -6.51 16.49
CA SER A 169 -3.15 -6.60 17.58
C SER A 169 -2.93 -5.48 18.61
N GLU A 170 -1.67 -5.25 19.00
CA GLU A 170 -1.32 -4.23 19.99
C GLU A 170 -1.14 -2.83 19.39
N ALA A 171 -1.09 -2.79 18.07
CA ALA A 171 -0.94 -1.55 17.32
C ALA A 171 -2.16 -0.65 17.47
N SER A 172 -1.91 0.66 17.56
CA SER A 172 -2.96 1.68 17.73
C SER A 172 -2.99 2.61 16.52
N ILE A 173 -4.16 2.76 15.91
CA ILE A 173 -4.30 3.64 14.74
C ILE A 173 -3.70 5.01 14.97
N SER A 174 -2.79 5.43 14.11
CA SER A 174 -2.17 6.75 14.26
C SER A 174 -3.26 7.75 14.67
N PRO A 175 -2.92 8.67 15.61
CA PRO A 175 -3.84 9.70 16.11
C PRO A 175 -4.24 10.70 15.00
N LYS A 176 -3.26 11.06 14.16
CA LYS A 176 -3.46 11.97 13.05
C LYS A 176 -4.37 11.39 11.97
N VAL A 177 -4.41 10.06 11.90
CA VAL A 177 -5.26 9.34 10.93
C VAL A 177 -6.70 9.44 11.47
N LEU A 178 -6.87 9.12 12.76
CA LEU A 178 -8.18 9.20 13.38
C LEU A 178 -8.70 10.64 13.26
N GLU A 179 -7.83 11.62 13.51
CA GLU A 179 -8.19 13.05 13.41
C GLU A 179 -8.79 13.40 12.05
N ALA A 180 -8.11 13.00 10.97
CA ALA A 180 -8.58 13.25 9.61
C ALA A 180 -9.74 12.32 9.29
N PHE A 181 -9.74 11.14 9.91
CA PHE A 181 -10.80 10.17 9.70
C PHE A 181 -12.13 10.61 10.30
N GLU A 182 -12.27 11.91 10.55
CA GLU A 182 -13.52 12.42 11.11
C GLU A 182 -14.28 13.24 10.09
N LYS A 183 -13.73 14.39 9.75
CA LYS A 183 -14.34 15.30 8.80
C LYS A 183 -14.69 14.61 7.48
N GLU A 184 -13.86 13.66 7.08
CA GLU A 184 -14.06 12.92 5.85
C GLU A 184 -15.25 11.94 5.89
N GLU A 185 -15.50 11.25 4.79
CA GLU A 185 -16.60 10.30 4.70
C GLU A 185 -16.42 9.35 3.50
N ASN A 186 -15.53 9.73 2.56
CA ASN A 186 -15.24 8.93 1.37
C ASN A 186 -13.88 8.18 1.47
N ILE A 187 -13.96 6.91 1.86
CA ILE A 187 -12.77 6.05 2.00
C ILE A 187 -12.60 5.17 0.74
N LEU A 188 -11.37 5.09 0.25
CA LEU A 188 -11.01 4.33 -0.96
C LEU A 188 -9.82 3.39 -0.76
N ILE A 189 -9.99 2.13 -1.09
CA ILE A 189 -8.90 1.20 -0.95
C ILE A 189 -8.33 0.96 -2.34
N GLY A 190 -7.08 1.39 -2.52
CA GLY A 190 -6.39 1.26 -3.80
C GLY A 190 -6.27 -0.16 -4.32
N PRO A 191 -5.96 -0.31 -5.61
CA PRO A 191 -5.82 -1.67 -6.15
C PRO A 191 -4.45 -2.26 -5.83
N SER A 192 -4.31 -2.78 -4.61
CA SER A 192 -3.05 -3.37 -4.22
C SER A 192 -3.28 -4.62 -3.37
N ASN A 193 -2.22 -5.40 -3.21
CA ASN A 193 -2.26 -6.64 -2.43
C ASN A 193 -3.23 -6.50 -1.25
N PRO A 194 -4.41 -7.14 -1.32
CA PRO A 194 -5.42 -7.08 -0.27
C PRO A 194 -5.01 -7.72 1.05
N ILE A 195 -4.10 -8.67 0.98
CA ILE A 195 -3.69 -9.35 2.18
C ILE A 195 -2.56 -8.65 2.95
N THR A 196 -1.46 -8.40 2.24
CA THR A 196 -0.25 -7.78 2.77
C THR A 196 -0.15 -6.26 2.83
N SER A 197 -0.89 -5.59 1.95
CA SER A 197 -0.88 -4.13 1.90
C SER A 197 -2.06 -3.52 2.68
N ILE A 198 -3.28 -3.73 2.19
CA ILE A 198 -4.45 -3.21 2.87
C ILE A 198 -4.77 -4.01 4.14
N GLY A 199 -4.70 -5.34 4.06
CA GLY A 199 -5.00 -6.17 5.22
C GLY A 199 -4.51 -5.57 6.52
N PRO A 200 -3.19 -5.39 6.69
CA PRO A 200 -2.66 -4.82 7.92
C PRO A 200 -3.42 -3.57 8.36
N ILE A 201 -3.67 -2.66 7.43
CA ILE A 201 -4.38 -1.43 7.77
C ILE A 201 -5.74 -1.67 8.42
N ILE A 202 -6.59 -2.44 7.73
CA ILE A 202 -7.94 -2.78 8.20
C ILE A 202 -7.96 -3.71 9.42
N SER A 203 -6.86 -4.43 9.62
CA SER A 203 -6.71 -5.36 10.74
C SER A 203 -6.52 -4.61 12.07
N LEU A 204 -6.12 -3.35 11.95
CA LEU A 204 -5.90 -2.50 13.10
C LEU A 204 -7.17 -2.46 13.92
N PRO A 205 -7.04 -2.52 15.25
CA PRO A 205 -8.18 -2.49 16.14
C PRO A 205 -9.05 -1.23 16.00
N GLY A 206 -10.35 -1.47 15.82
CA GLY A 206 -11.31 -0.40 15.67
C GLY A 206 -11.53 0.01 14.24
N MSE A 207 -10.46 0.02 13.45
CA MSE A 207 -10.51 0.41 12.04
C MSE A 207 -11.67 -0.21 11.26
O MSE A 207 -12.46 0.52 10.67
CB MSE A 207 -9.19 0.05 11.37
CG MSE A 207 -9.12 0.43 9.90
SE MSE A 207 -9.32 2.32 9.58
CE MSE A 207 -7.53 2.92 10.01
N ARG A 208 -11.78 -1.53 11.26
CA ARG A 208 -12.85 -2.17 10.53
C ARG A 208 -14.21 -1.58 10.93
N GLU A 209 -14.40 -1.35 12.22
CA GLU A 209 -15.66 -0.78 12.73
C GLU A 209 -15.92 0.61 12.17
N LEU A 210 -14.83 1.36 12.01
CA LEU A 210 -14.85 2.73 11.51
C LEU A 210 -15.32 2.85 10.05
N LEU A 211 -14.72 2.03 9.19
CA LEU A 211 -15.03 2.02 7.76
C LEU A 211 -16.51 1.69 7.53
N LYS A 212 -17.12 1.00 8.51
CA LYS A 212 -18.52 0.60 8.42
C LYS A 212 -19.44 1.81 8.58
N LYS A 213 -18.84 2.93 8.99
CA LYS A 213 -19.56 4.18 9.21
C LYS A 213 -19.21 5.23 8.15
N LYS A 214 -18.62 4.79 7.05
CA LYS A 214 -18.25 5.69 5.98
C LYS A 214 -18.56 5.08 4.62
N LYS A 215 -18.38 5.87 3.57
CA LYS A 215 -18.66 5.40 2.23
C LYS A 215 -17.34 4.89 1.63
N VAL A 216 -17.16 3.56 1.65
CA VAL A 216 -15.93 2.93 1.15
C VAL A 216 -16.03 2.38 -0.26
N VAL A 217 -15.07 2.78 -1.10
CA VAL A 217 -14.97 2.33 -2.50
C VAL A 217 -13.62 1.65 -2.69
N ALA A 218 -13.60 0.47 -3.29
CA ALA A 218 -12.34 -0.21 -3.53
C ALA A 218 -12.22 -0.66 -5.01
N VAL A 219 -10.98 -0.72 -5.49
CA VAL A 219 -10.67 -1.12 -6.87
C VAL A 219 -9.93 -2.45 -6.88
N SER A 220 -10.52 -3.44 -7.52
CA SER A 220 -9.92 -4.77 -7.62
C SER A 220 -8.45 -4.75 -8.04
N PRO A 221 -7.58 -5.38 -7.26
CA PRO A 221 -6.14 -5.44 -7.54
C PRO A 221 -5.84 -6.65 -8.41
N ILE A 222 -6.90 -7.29 -8.89
CA ILE A 222 -6.82 -8.49 -9.72
C ILE A 222 -7.80 -8.41 -10.88
N ILE A 223 -7.30 -8.71 -12.07
CA ILE A 223 -8.12 -8.70 -13.29
C ILE A 223 -8.43 -10.17 -13.63
N GLY A 224 -9.35 -10.40 -14.57
CA GLY A 224 -9.67 -11.77 -14.96
C GLY A 224 -8.48 -12.39 -15.69
N ASN A 225 -8.67 -12.73 -16.96
CA ASN A 225 -7.58 -13.32 -17.75
C ASN A 225 -7.04 -14.60 -17.09
N ALA A 226 -5.75 -14.86 -17.29
CA ALA A 226 -5.08 -16.03 -16.73
C ALA A 226 -4.88 -15.86 -15.22
N PRO A 227 -4.40 -16.90 -14.53
CA PRO A 227 -4.16 -16.84 -13.09
C PRO A 227 -3.47 -15.55 -12.65
N VAL A 228 -3.70 -15.16 -11.40
CA VAL A 228 -3.10 -13.94 -10.88
C VAL A 228 -1.60 -13.80 -11.17
N SER A 229 -0.82 -14.86 -10.94
CA SER A 229 0.60 -14.76 -11.22
C SER A 229 1.21 -13.63 -10.39
N GLY A 230 0.52 -13.25 -9.31
CA GLY A 230 1.02 -12.18 -8.47
C GLY A 230 1.44 -12.67 -7.10
N PRO A 231 2.05 -11.80 -6.28
CA PRO A 231 2.50 -12.17 -4.94
C PRO A 231 1.37 -12.47 -3.95
N ALA A 232 0.14 -12.17 -4.36
CA ALA A 232 -1.05 -12.40 -3.53
C ALA A 232 -1.73 -13.70 -3.95
N GLY A 233 -1.21 -14.29 -5.02
CA GLY A 233 -1.76 -15.53 -5.54
C GLY A 233 -1.76 -16.64 -4.52
N LYS A 234 -0.60 -16.92 -3.96
CA LYS A 234 -0.42 -17.96 -2.93
C LYS A 234 -0.77 -17.49 -1.51
N LEU A 235 -1.01 -16.18 -1.38
CA LEU A 235 -1.38 -15.58 -0.09
C LEU A 235 -2.89 -15.43 0.01
N MSE A 236 -3.58 -15.99 -0.97
CA MSE A 236 -5.04 -15.93 -1.03
C MSE A 236 -5.67 -17.17 -0.37
O MSE A 236 -6.55 -17.05 0.49
CB MSE A 236 -5.47 -15.84 -2.50
CG MSE A 236 -6.57 -14.84 -2.78
SE MSE A 236 -6.00 -13.01 -3.12
CE MSE A 236 -7.66 -12.39 -3.91
N PRO A 237 -5.24 -18.37 -0.79
CA PRO A 237 -5.78 -19.62 -0.22
C PRO A 237 -5.30 -19.91 1.21
N ALA A 238 -4.14 -19.38 1.57
CA ALA A 238 -3.56 -19.60 2.90
C ALA A 238 -4.27 -18.79 3.98
N CYS A 239 -5.03 -17.78 3.57
CA CYS A 239 -5.77 -16.94 4.50
C CYS A 239 -7.23 -17.37 4.52
N GLY A 240 -7.66 -17.99 3.43
CA GLY A 240 -9.02 -18.45 3.34
C GLY A 240 -9.84 -17.74 2.29
N ILE A 241 -9.17 -17.14 1.32
CA ILE A 241 -9.88 -16.43 0.26
C ILE A 241 -9.54 -17.04 -1.10
N GLU A 242 -10.51 -17.09 -2.01
CA GLU A 242 -10.29 -17.64 -3.34
C GLU A 242 -9.53 -16.62 -4.20
N VAL A 243 -8.56 -17.09 -4.97
CA VAL A 243 -7.75 -16.23 -5.84
C VAL A 243 -8.58 -15.71 -7.03
N SER A 244 -9.38 -14.67 -6.79
CA SER A 244 -10.25 -14.09 -7.82
C SER A 244 -10.69 -12.68 -7.43
N SER A 245 -11.07 -11.87 -8.42
CA SER A 245 -11.53 -10.50 -8.16
C SER A 245 -12.77 -10.54 -7.26
N MSE A 246 -13.29 -11.76 -7.07
CA MSE A 246 -14.45 -12.01 -6.25
C MSE A 246 -14.04 -12.12 -4.79
O MSE A 246 -14.60 -11.46 -3.92
CB MSE A 246 -15.13 -13.30 -6.70
CG MSE A 246 -16.51 -13.55 -6.10
SE MSE A 246 -17.84 -12.21 -6.62
CE MSE A 246 -17.97 -11.22 -4.95
N GLY A 247 -13.06 -12.96 -4.53
CA GLY A 247 -12.57 -13.14 -3.18
C GLY A 247 -12.19 -11.79 -2.59
N VAL A 248 -11.56 -10.94 -3.40
CA VAL A 248 -11.12 -9.63 -2.93
C VAL A 248 -12.31 -8.86 -2.33
N ALA A 249 -13.39 -8.79 -3.08
CA ALA A 249 -14.61 -8.10 -2.66
C ALA A 249 -15.20 -8.73 -1.39
N GLU A 250 -15.16 -10.05 -1.31
CA GLU A 250 -15.70 -10.77 -0.15
C GLU A 250 -14.81 -10.63 1.08
N TYR A 251 -13.63 -10.03 0.89
CA TYR A 251 -12.72 -9.83 1.99
C TYR A 251 -13.08 -8.53 2.67
N TYR A 252 -13.74 -7.65 1.92
CA TYR A 252 -14.18 -6.36 2.43
C TYR A 252 -15.71 -6.33 2.53
N GLN A 253 -16.34 -7.50 2.46
CA GLN A 253 -17.80 -7.59 2.54
C GLN A 253 -18.31 -7.22 3.91
N ASP A 254 -17.54 -6.43 4.64
CA ASP A 254 -17.93 -6.03 5.98
C ASP A 254 -18.04 -4.50 6.05
N PHE A 255 -17.63 -3.81 4.99
CA PHE A 255 -17.69 -2.35 4.98
C PHE A 255 -17.65 -1.75 3.56
N LEU A 256 -17.33 -2.58 2.59
CA LEU A 256 -17.25 -2.18 1.19
C LEU A 256 -18.61 -1.80 0.62
N ASP A 257 -18.71 -0.57 0.11
CA ASP A 257 -19.94 -0.06 -0.47
C ASP A 257 -19.93 -0.23 -1.99
N VAL A 258 -19.05 0.51 -2.65
CA VAL A 258 -18.95 0.39 -4.10
C VAL A 258 -17.66 -0.29 -4.48
N PHE A 259 -17.78 -1.37 -5.25
CA PHE A 259 -16.60 -2.11 -5.68
C PHE A 259 -16.38 -1.90 -7.17
N VAL A 260 -15.12 -1.77 -7.57
CA VAL A 260 -14.82 -1.56 -8.99
C VAL A 260 -13.88 -2.64 -9.50
N PHE A 261 -14.22 -3.22 -10.66
CA PHE A 261 -13.40 -4.26 -11.28
C PHE A 261 -13.19 -3.96 -12.76
N ASP A 262 -12.09 -4.47 -13.29
CA ASP A 262 -11.70 -4.27 -14.69
C ASP A 262 -12.75 -4.72 -15.69
N GLU A 263 -12.86 -3.99 -16.79
CA GLU A 263 -13.81 -4.31 -17.84
C GLU A 263 -13.42 -5.68 -18.42
N ARG A 264 -12.18 -6.08 -18.19
CA ARG A 264 -11.66 -7.35 -18.70
C ARG A 264 -12.56 -8.52 -18.30
N ASP A 265 -12.34 -9.10 -17.12
CA ASP A 265 -13.15 -10.23 -16.67
C ASP A 265 -14.63 -9.85 -16.57
N ARG A 266 -15.45 -10.45 -17.42
CA ARG A 266 -16.89 -10.17 -17.36
C ARG A 266 -17.55 -11.26 -16.52
N ALA A 267 -16.84 -11.67 -15.46
CA ALA A 267 -17.31 -12.69 -14.54
C ALA A 267 -18.78 -12.43 -14.15
N ASP A 268 -19.37 -13.40 -13.47
CA ASP A 268 -20.76 -13.33 -13.01
C ASP A 268 -20.93 -12.16 -12.02
N GLU A 269 -21.21 -10.97 -12.55
CA GLU A 269 -21.42 -9.78 -11.75
C GLU A 269 -22.50 -10.01 -10.68
N PHE A 270 -23.41 -10.96 -10.95
CA PHE A 270 -24.49 -11.30 -10.02
C PHE A 270 -23.90 -11.95 -8.78
N ALA A 271 -22.64 -12.36 -8.89
CA ALA A 271 -21.94 -12.98 -7.78
C ALA A 271 -21.52 -11.88 -6.79
N PHE A 272 -21.09 -10.73 -7.31
CA PHE A 272 -20.66 -9.59 -6.49
C PHE A 272 -21.88 -9.00 -5.78
N GLU A 273 -23.05 -9.29 -6.35
CA GLU A 273 -24.34 -8.84 -5.82
C GLU A 273 -24.64 -9.63 -4.55
N ARG A 274 -24.20 -10.89 -4.52
CA ARG A 274 -24.41 -11.77 -3.36
C ARG A 274 -23.72 -11.22 -2.10
N LEU A 275 -23.04 -10.08 -2.23
CA LEU A 275 -22.34 -9.45 -1.11
C LEU A 275 -22.99 -8.12 -0.75
N GLY A 276 -24.11 -7.84 -1.41
CA GLY A 276 -24.83 -6.61 -1.14
C GLY A 276 -23.97 -5.37 -1.23
N CYS A 277 -23.43 -5.11 -2.43
CA CYS A 277 -22.61 -3.92 -2.65
C CYS A 277 -22.67 -3.53 -4.13
N HIS A 278 -22.59 -2.23 -4.39
CA HIS A 278 -22.62 -1.70 -5.75
C HIS A 278 -21.44 -2.25 -6.54
N ALA A 279 -21.58 -2.27 -7.87
CA ALA A 279 -20.49 -2.76 -8.72
C ALA A 279 -20.44 -1.96 -10.02
N SER A 280 -19.24 -1.56 -10.42
CA SER A 280 -19.05 -0.81 -11.65
C SER A 280 -17.83 -1.28 -12.44
N ARG A 281 -17.77 -0.85 -13.69
CA ARG A 281 -16.70 -1.25 -14.60
C ARG A 281 -15.73 -0.11 -14.95
N ALA A 282 -14.44 -0.44 -15.05
CA ALA A 282 -13.43 0.55 -15.38
C ALA A 282 -12.10 -0.16 -15.70
N ASP A 283 -11.31 0.42 -16.60
CA ASP A 283 -10.02 -0.17 -16.98
C ASP A 283 -9.02 0.15 -15.87
N THR A 284 -8.65 -0.86 -15.11
CA THR A 284 -7.73 -0.68 -14.00
C THR A 284 -6.28 -0.91 -14.40
N LEU A 285 -6.06 -1.07 -15.70
CA LEU A 285 -4.71 -1.28 -16.24
C LEU A 285 -4.06 0.08 -16.49
N MSE A 286 -3.52 0.68 -15.43
CA MSE A 286 -2.89 1.98 -15.54
C MSE A 286 -1.51 1.87 -16.14
O MSE A 286 -0.59 1.32 -15.54
CB MSE A 286 -2.81 2.65 -14.18
CG MSE A 286 -4.17 3.00 -13.61
SE MSE A 286 -4.13 3.06 -11.69
CE MSE A 286 -3.81 1.18 -11.35
N THR A 287 -1.38 2.40 -17.35
CA THR A 287 -0.13 2.37 -18.09
C THR A 287 0.34 3.77 -18.40
N SER A 288 -0.30 4.76 -17.78
CA SER A 288 0.06 6.16 -17.98
C SER A 288 -0.63 7.09 -17.02
N THR A 289 -0.03 8.24 -16.78
CA THR A 289 -0.65 9.19 -15.89
C THR A 289 -2.02 9.53 -16.46
N GLU A 290 -2.15 9.48 -17.78
CA GLU A 290 -3.44 9.80 -18.43
C GLU A 290 -4.46 8.70 -18.18
N LYS A 291 -4.08 7.51 -18.60
CA LYS A 291 -4.91 6.32 -18.46
C LYS A 291 -5.35 6.19 -17.00
N SER A 292 -4.44 6.53 -16.08
CA SER A 292 -4.72 6.48 -14.64
C SER A 292 -5.73 7.54 -14.24
N LYS A 293 -5.59 8.75 -14.76
CA LYS A 293 -6.52 9.82 -14.42
C LYS A 293 -7.93 9.40 -14.81
N GLU A 294 -8.00 8.54 -15.82
CA GLU A 294 -9.26 8.01 -16.35
C GLU A 294 -9.99 7.18 -15.29
N LEU A 295 -9.25 6.30 -14.64
CA LEU A 295 -9.80 5.46 -13.58
C LEU A 295 -10.15 6.31 -12.35
N ALA A 296 -9.35 7.36 -12.13
CA ALA A 296 -9.50 8.34 -11.04
C ALA A 296 -10.89 9.03 -11.09
N GLU A 297 -11.24 9.61 -12.24
CA GLU A 297 -12.55 10.23 -12.40
C GLU A 297 -13.69 9.26 -12.12
N ILE A 298 -13.51 7.98 -12.44
CA ILE A 298 -14.57 6.98 -12.20
C ILE A 298 -14.78 6.75 -10.72
N VAL A 299 -13.68 6.78 -9.97
CA VAL A 299 -13.77 6.58 -8.54
C VAL A 299 -14.52 7.76 -7.96
N VAL A 300 -14.11 8.95 -8.39
CA VAL A 300 -14.72 10.18 -7.93
C VAL A 300 -16.21 10.13 -8.21
N GLN A 301 -16.53 9.87 -9.47
CA GLN A 301 -17.91 9.75 -9.91
C GLN A 301 -18.59 8.55 -9.23
N ALA A 302 -17.82 7.61 -8.70
CA ALA A 302 -18.41 6.43 -8.06
C ALA A 302 -18.96 6.76 -6.68
N PHE A 303 -18.61 7.94 -6.18
CA PHE A 303 -19.04 8.41 -4.86
C PHE A 303 -20.30 9.30 -4.95
#